data_6YPZ
#
_entry.id   6YPZ
#
_cell.length_a   87.828
_cell.length_b   59.965
_cell.length_c   88.428
_cell.angle_alpha   90.000
_cell.angle_beta   102.513
_cell.angle_gamma   90.000
#
_symmetry.space_group_name_H-M   'I 1 2 1'
#
loop_
_entity.id
_entity.type
_entity.pdbx_description
1 polymer Monooxygenase
2 non-polymer 'NADPH DIHYDRO-NICOTINAMIDE-ADENINE-DINUCLEOTIDE PHOSPHATE'
3 non-polymer 1,2-ETHANEDIOL
4 non-polymer DI(HYDROXYETHYL)ETHER
5 water water
#
_entity_poly.entity_id   1
_entity_poly.type   'polypeptide(L)'
_entity_poly.pdbx_seq_one_letter_code
;MSRLTGKNALVTGSSRGIGRATAVRLAREGALVAVHYASNEAAADETVAQIEREGGRAFPVRAELGVAGDVHELFLGLEQ
GLKERTGETTLDILVNNAAVTGVDGILPEDVTAEQLDRYYAVNAKAPFLLVQRAVRNMPDGGRIINISSGLTRCAVPEQV
AYSMTKGALEQITLHMAKHLAPRGITVNSVAPGITDNGGAVFDIPEIVEQMAQSSAFKRVGEAGDVADVVTFIATDESRW
ITGAFIDASGGTLLG
;
_entity_poly.pdbx_strand_id   AAA,BBB
#
# COMPACT_ATOMS: atom_id res chain seq x y z
N SER A 2 -5.15 -3.82 -17.75
CA SER A 2 -5.67 -2.59 -18.24
C SER A 2 -6.67 -1.98 -17.26
N ARG A 3 -6.17 -1.66 -16.11
CA ARG A 3 -6.97 -1.20 -14.99
C ARG A 3 -7.30 0.27 -15.09
N LEU A 4 -6.68 1.03 -16.00
CA LEU A 4 -6.90 2.47 -16.10
C LEU A 4 -7.39 2.89 -17.47
N THR A 5 -8.07 2.00 -18.17
CA THR A 5 -8.66 2.32 -19.47
C THR A 5 -9.61 3.51 -19.34
N GLY A 6 -9.46 4.45 -20.23
CA GLY A 6 -10.33 5.62 -20.25
C GLY A 6 -10.04 6.66 -19.18
N LYS A 7 -8.94 6.52 -18.46
CA LYS A 7 -8.52 7.48 -17.44
C LYS A 7 -7.41 8.39 -17.96
N ASN A 8 -7.40 9.59 -17.43
CA ASN A 8 -6.38 10.58 -17.75
C ASN A 8 -5.52 10.85 -16.52
N ALA A 9 -4.19 10.89 -16.68
CA ALA A 9 -3.30 11.06 -15.53
C ALA A 9 -2.30 12.13 -15.83
N LEU A 10 -1.92 12.88 -14.82
CA LEU A 10 -0.78 13.82 -14.88
C LEU A 10 0.27 13.34 -13.92
N VAL A 11 1.48 13.08 -14.40
CA VAL A 11 2.61 12.78 -13.51
C VAL A 11 3.56 13.95 -13.60
N THR A 12 3.67 14.74 -12.56
CA THR A 12 4.65 15.86 -12.64
C THR A 12 6.06 15.27 -12.64
N GLY A 13 6.96 15.92 -13.34
CA GLY A 13 8.33 15.50 -13.37
C GLY A 13 8.50 14.07 -13.86
N SER A 14 7.89 13.78 -15.01
CA SER A 14 7.97 12.43 -15.60
C SER A 14 8.88 12.35 -16.81
N SER A 15 9.71 13.35 -17.03
CA SER A 15 10.81 13.24 -18.00
C SER A 15 11.83 12.23 -17.61
N ARG A 16 11.98 11.91 -16.36
CA ARG A 16 13.13 11.15 -15.88
C ARG A 16 12.76 10.41 -14.59
N GLY A 17 13.56 9.45 -14.19
CA GLY A 17 13.52 8.91 -12.83
C GLY A 17 12.24 8.22 -12.49
N ILE A 18 11.83 8.34 -11.23
CA ILE A 18 10.62 7.69 -10.74
C ILE A 18 9.41 8.15 -11.55
N GLY A 19 9.37 9.42 -11.89
CA GLY A 19 8.23 9.95 -12.64
C GLY A 19 8.12 9.31 -14.02
N ARG A 20 9.22 9.13 -14.71
CA ARG A 20 9.18 8.41 -16.00
C ARG A 20 8.64 7.02 -15.80
N ALA A 21 9.14 6.30 -14.81
CA ALA A 21 8.73 4.92 -14.59
C ALA A 21 7.27 4.86 -14.27
N THR A 22 6.76 5.85 -13.55
CA THR A 22 5.36 5.96 -13.18
C THR A 22 4.51 6.23 -14.42
N ALA A 23 4.88 7.22 -15.20
CA ALA A 23 4.15 7.51 -16.43
C ALA A 23 4.05 6.25 -17.31
N VAL A 24 5.17 5.57 -17.48
CA VAL A 24 5.21 4.37 -18.31
C VAL A 24 4.21 3.37 -17.79
N ARG A 25 4.17 3.10 -16.48
CA ARG A 25 3.30 2.09 -15.93
C ARG A 25 1.85 2.51 -15.95
N LEU A 26 1.51 3.76 -15.72
CA LEU A 26 0.13 4.19 -15.83
C LEU A 26 -0.36 4.02 -17.26
N ALA A 27 0.50 4.35 -18.22
CA ALA A 27 0.08 4.21 -19.62
C ALA A 27 -0.07 2.74 -20.00
N ARG A 28 0.72 1.84 -19.46
CA ARG A 28 0.56 0.38 -19.73
C ARG A 28 -0.80 -0.04 -19.25
N GLU A 29 -1.36 0.54 -18.22
CA GLU A 29 -2.67 0.21 -17.68
C GLU A 29 -3.77 0.86 -18.49
N GLY A 30 -3.48 1.70 -19.48
CA GLY A 30 -4.45 2.28 -20.36
C GLY A 30 -4.68 3.76 -20.15
N ALA A 31 -4.00 4.39 -19.17
CA ALA A 31 -4.22 5.84 -18.96
C ALA A 31 -3.62 6.65 -20.10
N LEU A 32 -4.24 7.74 -20.41
CA LEU A 32 -3.64 8.80 -21.21
C LEU A 32 -2.79 9.62 -20.25
N VAL A 33 -1.50 9.74 -20.48
CA VAL A 33 -0.59 10.37 -19.52
C VAL A 33 -0.01 11.66 -20.05
N ALA A 34 -0.19 12.70 -19.26
CA ALA A 34 0.50 13.97 -19.46
C ALA A 34 1.87 13.89 -18.78
N VAL A 35 2.94 13.95 -19.57
CA VAL A 35 4.33 13.81 -19.16
C VAL A 35 4.85 15.20 -18.95
N HIS A 36 4.89 15.64 -17.70
CA HIS A 36 5.28 17.00 -17.36
C HIS A 36 6.76 17.10 -17.04
N TYR A 37 7.36 18.24 -17.41
CA TYR A 37 8.77 18.51 -17.18
C TYR A 37 8.97 20.01 -17.09
N ALA A 38 10.17 20.40 -16.74
CA ALA A 38 10.52 21.80 -16.64
C ALA A 38 11.37 22.21 -17.79
N SER A 39 12.45 21.55 -18.00
CA SER A 39 13.38 21.97 -19.06
C SER A 39 13.93 20.84 -19.90
N ASN A 40 14.01 19.61 -19.42
CA ASN A 40 14.66 18.52 -20.21
C ASN A 40 13.63 17.98 -21.17
N GLU A 41 13.43 18.69 -22.27
CA GLU A 41 12.44 18.32 -23.27
C GLU A 41 12.81 17.01 -23.93
N ALA A 42 14.07 16.75 -24.19
CA ALA A 42 14.47 15.50 -24.84
C ALA A 42 14.09 14.35 -23.93
N ALA A 43 14.30 14.48 -22.62
CA ALA A 43 13.96 13.39 -21.70
C ALA A 43 12.43 13.21 -21.68
N ALA A 44 11.68 14.26 -21.68
CA ALA A 44 10.22 14.15 -21.75
C ALA A 44 9.78 13.44 -23.01
N ASP A 45 10.40 13.84 -24.12
CA ASP A 45 10.05 13.20 -25.41
C ASP A 45 10.44 11.74 -25.36
N GLU A 46 11.49 11.33 -24.68
CA GLU A 46 11.86 9.93 -24.54
C GLU A 46 10.85 9.14 -23.69
N THR A 47 10.33 9.75 -22.61
CA THR A 47 9.22 9.10 -21.87
C THR A 47 8.03 8.86 -22.82
N VAL A 48 7.63 9.91 -23.48
CA VAL A 48 6.46 9.80 -24.43
C VAL A 48 6.73 8.78 -25.50
N ALA A 49 7.94 8.74 -26.02
CA ALA A 49 8.26 7.76 -27.08
C ALA A 49 8.16 6.38 -26.51
N GLN A 50 8.62 6.11 -25.30
CA GLN A 50 8.49 4.77 -24.75
C GLN A 50 7.03 4.39 -24.64
N ILE A 51 6.21 5.29 -24.11
CA ILE A 51 4.79 5.02 -23.96
C ILE A 51 4.17 4.72 -25.34
N GLU A 52 4.50 5.50 -26.33
CA GLU A 52 3.88 5.29 -27.68
C GLU A 52 4.35 3.94 -28.24
N ARG A 53 5.59 3.59 -28.09
CA ARG A 53 6.09 2.30 -28.64
C ARG A 53 5.46 1.16 -27.90
N GLU A 54 5.10 1.32 -26.63
CA GLU A 54 4.45 0.25 -25.85
C GLU A 54 2.96 0.26 -26.13
N GLY A 55 2.44 1.05 -27.03
CA GLY A 55 1.02 0.97 -27.39
C GLY A 55 0.13 1.88 -26.62
N GLY A 56 0.68 2.83 -25.84
CA GLY A 56 -0.12 3.72 -25.03
C GLY A 56 -0.21 5.10 -25.60
N ARG A 57 -0.70 6.03 -24.82
CA ARG A 57 -0.95 7.40 -25.24
C ARG A 57 -0.36 8.34 -24.22
N ALA A 58 0.31 9.36 -24.71
CA ALA A 58 0.94 10.36 -23.81
C ALA A 58 1.25 11.62 -24.57
N PHE A 59 1.53 12.67 -23.86
CA PHE A 59 1.97 13.93 -24.48
C PHE A 59 2.74 14.74 -23.50
N PRO A 60 3.69 15.56 -23.93
CA PRO A 60 4.49 16.34 -22.99
C PRO A 60 3.78 17.61 -22.61
N VAL A 61 4.07 18.07 -21.41
CA VAL A 61 3.61 19.39 -20.88
C VAL A 61 4.76 20.08 -20.20
N ARG A 62 5.17 21.21 -20.69
CA ARG A 62 6.26 21.97 -20.09
C ARG A 62 5.74 22.98 -19.10
N ALA A 63 6.23 22.98 -17.87
CA ALA A 63 5.93 24.08 -16.95
C ALA A 63 6.94 24.04 -15.83
N GLU A 64 7.72 25.08 -15.68
CA GLU A 64 8.59 25.30 -14.50
CA GLU A 64 8.57 25.16 -14.49
C GLU A 64 7.68 25.51 -13.28
N LEU A 65 7.79 24.67 -12.26
CA LEU A 65 7.07 24.87 -11.02
C LEU A 65 7.91 25.77 -10.10
N GLY A 66 7.21 26.43 -9.21
CA GLY A 66 7.85 27.30 -8.21
C GLY A 66 8.05 28.70 -8.66
N VAL A 67 7.39 29.13 -9.72
CA VAL A 67 7.46 30.49 -10.27
C VAL A 67 6.02 30.93 -10.53
N ALA A 68 5.79 32.25 -10.53
CA ALA A 68 4.47 32.79 -10.85
C ALA A 68 4.00 32.27 -12.23
N GLY A 69 2.75 31.84 -12.17
CA GLY A 69 2.03 31.33 -13.35
C GLY A 69 2.30 29.87 -13.62
N ASP A 70 2.95 29.17 -12.72
CA ASP A 70 3.30 27.72 -12.95
C ASP A 70 2.08 26.85 -13.13
N VAL A 71 1.15 26.90 -12.18
CA VAL A 71 -0.06 26.06 -12.26
C VAL A 71 -0.84 26.40 -13.51
N HIS A 72 -1.00 27.69 -13.79
CA HIS A 72 -1.69 28.13 -15.00
C HIS A 72 -1.07 27.51 -16.22
N GLU A 73 0.26 27.65 -16.35
CA GLU A 73 0.93 27.16 -17.55
C GLU A 73 0.76 25.63 -17.70
N LEU A 74 0.92 24.92 -16.60
CA LEU A 74 0.78 23.45 -16.64
C LEU A 74 -0.61 23.11 -17.10
N PHE A 75 -1.63 23.73 -16.51
CA PHE A 75 -3.03 23.38 -16.88
C PHE A 75 -3.37 23.84 -18.27
N LEU A 76 -2.76 24.86 -18.80
CA LEU A 76 -3.05 25.24 -20.20
C LEU A 76 -2.64 24.08 -21.09
N GLY A 77 -1.42 23.60 -20.94
CA GLY A 77 -0.91 22.50 -21.74
C GLY A 77 -1.67 21.21 -21.49
N LEU A 78 -1.95 20.92 -20.23
CA LEU A 78 -2.69 19.70 -19.89
C LEU A 78 -4.05 19.69 -20.54
N GLU A 79 -4.83 20.78 -20.34
CA GLU A 79 -6.19 20.77 -20.84
C GLU A 79 -6.20 20.77 -22.37
N GLN A 80 -5.28 21.46 -23.01
CA GLN A 80 -5.22 21.44 -24.49
C GLN A 80 -4.99 20.03 -24.94
N GLY A 81 -4.03 19.33 -24.35
CA GLY A 81 -3.69 17.98 -24.79
C GLY A 81 -4.80 17.00 -24.52
N LEU A 82 -5.41 17.10 -23.35
CA LEU A 82 -6.53 16.21 -23.04
C LEU A 82 -7.68 16.42 -24.00
N LYS A 83 -8.02 17.68 -24.25
CA LYS A 83 -9.18 17.99 -25.10
C LYS A 83 -8.91 17.52 -26.53
N GLU A 84 -7.73 17.72 -27.04
CA GLU A 84 -7.43 17.33 -28.44
C GLU A 84 -7.59 15.83 -28.52
N ARG A 85 -7.25 15.06 -27.51
CA ARG A 85 -7.21 13.57 -27.59
C ARG A 85 -8.50 12.90 -27.10
N THR A 86 -9.37 13.56 -26.36
CA THR A 86 -10.54 12.94 -25.72
C THR A 86 -11.81 13.79 -25.88
N GLY A 87 -11.68 15.04 -26.20
CA GLY A 87 -12.81 15.99 -26.18
C GLY A 87 -13.11 16.51 -24.79
N GLU A 88 -12.42 16.01 -23.75
CA GLU A 88 -12.70 16.38 -22.35
C GLU A 88 -11.41 16.86 -21.70
N THR A 89 -11.58 17.44 -20.51
CA THR A 89 -10.42 17.88 -19.73
C THR A 89 -10.37 17.15 -18.39
N THR A 90 -11.11 16.10 -18.22
CA THR A 90 -11.18 15.30 -17.01
C THR A 90 -9.76 14.84 -16.59
N LEU A 91 -9.46 15.00 -15.32
CA LEU A 91 -8.19 14.52 -14.74
C LEU A 91 -8.51 13.53 -13.66
N ASP A 92 -8.25 12.27 -13.90
CA ASP A 92 -8.58 11.22 -12.93
C ASP A 92 -7.48 11.08 -11.87
N ILE A 93 -6.24 11.22 -12.26
CA ILE A 93 -5.08 10.91 -11.40
C ILE A 93 -4.08 12.05 -11.46
N LEU A 94 -3.67 12.54 -10.30
CA LEU A 94 -2.58 13.52 -10.17
C LEU A 94 -1.48 12.85 -9.36
N VAL A 95 -0.28 12.76 -9.89
CA VAL A 95 0.88 12.33 -9.12
C VAL A 95 1.83 13.52 -8.98
N ASN A 96 1.94 14.01 -7.73
CA ASN A 96 2.90 15.09 -7.40
C ASN A 96 4.25 14.47 -7.17
N ASN A 97 5.03 14.31 -8.23
CA ASN A 97 6.31 13.64 -8.24
C ASN A 97 7.48 14.59 -8.43
N ALA A 98 7.32 15.66 -9.22
CA ALA A 98 8.43 16.58 -9.50
C ALA A 98 8.93 17.16 -8.20
N ALA A 99 10.23 17.39 -8.10
CA ALA A 99 10.78 18.01 -6.91
C ALA A 99 12.16 18.53 -7.23
N VAL A 100 12.61 19.48 -6.43
CA VAL A 100 14.02 19.87 -6.25
C VAL A 100 14.56 18.83 -5.31
N THR A 101 15.48 18.00 -5.79
CA THR A 101 15.87 16.71 -5.15
C THR A 101 17.30 16.48 -5.63
N GLY A 102 18.23 16.42 -4.74
CA GLY A 102 19.65 16.48 -5.12
C GLY A 102 20.45 15.52 -4.28
N VAL A 103 21.20 14.65 -4.93
CA VAL A 103 22.19 13.78 -4.26
C VAL A 103 23.13 14.56 -3.33
N ASP A 104 23.55 15.76 -3.73
CA ASP A 104 24.62 16.52 -3.04
C ASP A 104 24.20 16.79 -1.54
N GLY A 105 22.97 17.15 -1.32
CA GLY A 105 22.49 17.74 -0.05
C GLY A 105 23.16 19.08 0.26
N ILE A 106 22.83 19.60 1.41
CA ILE A 106 23.31 20.89 1.94
C ILE A 106 23.37 20.75 3.44
N LEU A 107 24.49 20.75 4.07
CA LEU A 107 24.53 20.67 5.51
C LEU A 107 23.91 21.91 6.13
N PRO A 108 23.39 21.79 7.38
CA PRO A 108 22.58 22.86 7.96
C PRO A 108 23.31 24.20 8.00
N GLU A 109 24.61 24.18 8.28
CA GLU A 109 25.36 25.45 8.38
C GLU A 109 25.40 26.19 7.05
N ASP A 110 25.16 25.55 5.94
CA ASP A 110 25.34 26.12 4.61
C ASP A 110 24.07 26.47 3.95
N VAL A 111 22.91 26.08 4.48
CA VAL A 111 21.63 26.35 3.84
C VAL A 111 21.42 27.85 3.73
N THR A 112 20.94 28.29 2.59
CA THR A 112 20.64 29.70 2.35
C THR A 112 19.15 29.89 2.41
N ALA A 113 18.68 31.09 2.68
CA ALA A 113 17.28 31.46 2.58
C ALA A 113 16.78 31.21 1.13
N GLU A 114 17.58 31.44 0.13
CA GLU A 114 17.14 31.23 -1.26
C GLU A 114 16.88 29.74 -1.48
N GLN A 115 17.71 28.87 -0.94
CA GLN A 115 17.47 27.44 -1.06
C GLN A 115 16.21 27.05 -0.31
N LEU A 116 15.96 27.54 0.86
CA LEU A 116 14.71 27.21 1.58
C LEU A 116 13.55 27.61 0.70
N ASP A 117 13.60 28.76 0.08
CA ASP A 117 12.47 29.21 -0.75
C ASP A 117 12.30 28.28 -1.96
N ARG A 118 13.36 27.94 -2.59
CA ARG A 118 13.25 27.16 -3.85
C ARG A 118 12.68 25.77 -3.52
N TYR A 119 13.24 25.13 -2.52
CA TYR A 119 12.69 23.83 -2.10
C TYR A 119 11.24 23.94 -1.80
N TYR A 120 10.83 24.90 -0.99
CA TYR A 120 9.42 25.12 -0.57
CA TYR A 120 9.44 24.94 -0.61
C TYR A 120 8.53 25.30 -1.80
N ALA A 121 8.94 26.20 -2.63
CA ALA A 121 8.12 26.63 -3.77
C ALA A 121 7.79 25.41 -4.65
N VAL A 122 8.78 24.60 -4.94
CA VAL A 122 8.58 23.47 -5.85
C VAL A 122 7.98 22.27 -5.14
N ASN A 123 8.42 22.00 -3.90
CA ASN A 123 8.17 20.68 -3.32
C ASN A 123 6.94 20.69 -2.39
N ALA A 124 6.47 21.85 -1.97
CA ALA A 124 5.37 21.94 -1.00
C ALA A 124 4.27 22.86 -1.54
N LYS A 125 4.61 24.09 -1.86
CA LYS A 125 3.64 25.05 -2.37
C LYS A 125 3.03 24.60 -3.68
N ALA A 126 3.85 24.24 -4.65
CA ALA A 126 3.31 23.86 -5.97
C ALA A 126 2.42 22.64 -5.83
N PRO A 127 2.79 21.56 -5.11
CA PRO A 127 1.86 20.47 -4.95
C PRO A 127 0.52 20.89 -4.37
N PHE A 128 0.53 21.75 -3.36
CA PHE A 128 -0.72 22.22 -2.77
C PHE A 128 -1.58 22.88 -3.83
N LEU A 129 -1.00 23.81 -4.57
CA LEU A 129 -1.78 24.59 -5.54
C LEU A 129 -2.18 23.71 -6.72
N LEU A 130 -1.38 22.71 -7.06
CA LEU A 130 -1.76 21.74 -8.10
C LEU A 130 -2.93 20.88 -7.61
N VAL A 131 -2.97 20.44 -6.39
CA VAL A 131 -4.15 19.71 -5.89
C VAL A 131 -5.38 20.60 -6.02
N GLN A 132 -5.26 21.85 -5.53
CA GLN A 132 -6.41 22.77 -5.53
C GLN A 132 -6.96 22.95 -6.94
N ARG A 133 -6.09 23.10 -7.94
CA ARG A 133 -6.54 23.26 -9.34
C ARG A 133 -7.02 21.96 -9.94
N ALA A 134 -6.35 20.87 -9.64
CA ALA A 134 -6.65 19.58 -10.23
C ALA A 134 -8.04 19.11 -9.83
N VAL A 135 -8.44 19.35 -8.62
CA VAL A 135 -9.75 18.80 -8.17
C VAL A 135 -10.89 19.36 -8.95
N ARG A 136 -10.70 20.56 -9.54
CA ARG A 136 -11.78 21.10 -10.36
C ARG A 136 -12.12 20.20 -11.51
N ASN A 137 -11.16 19.48 -12.03
CA ASN A 137 -11.26 18.64 -13.20
C ASN A 137 -11.44 17.16 -12.82
N MET A 138 -11.49 16.81 -11.55
CA MET A 138 -11.35 15.43 -11.12
C MET A 138 -12.70 14.89 -10.73
N PRO A 139 -13.09 13.74 -11.27
CA PRO A 139 -14.37 13.14 -10.91
C PRO A 139 -14.30 12.44 -9.59
N ASP A 140 -15.48 12.24 -9.04
CA ASP A 140 -15.58 11.42 -7.86
C ASP A 140 -14.93 10.11 -8.12
N GLY A 141 -14.09 9.66 -7.20
CA GLY A 141 -13.39 8.45 -7.43
C GLY A 141 -11.90 8.62 -7.93
N GLY A 142 -11.43 9.87 -8.02
CA GLY A 142 -10.09 10.22 -8.43
C GLY A 142 -9.04 9.89 -7.40
N ARG A 143 -7.80 10.14 -7.83
CA ARG A 143 -6.60 9.77 -7.05
C ARG A 143 -5.60 10.90 -7.05
N ILE A 144 -5.13 11.28 -5.86
CA ILE A 144 -4.02 12.22 -5.68
C ILE A 144 -2.95 11.48 -4.96
N ILE A 145 -1.75 11.44 -5.51
CA ILE A 145 -0.63 10.67 -4.96
C ILE A 145 0.53 11.62 -4.82
N ASN A 146 0.97 11.84 -3.60
CA ASN A 146 2.13 12.71 -3.29
C ASN A 146 3.35 11.88 -3.08
N ILE A 147 4.41 12.12 -3.83
CA ILE A 147 5.66 11.38 -3.68
C ILE A 147 6.49 12.09 -2.61
N SER A 148 6.64 11.47 -1.46
CA SER A 148 7.38 12.02 -0.32
C SER A 148 8.77 11.45 -0.33
N SER A 149 9.27 11.08 0.85
CA SER A 149 10.59 10.51 1.02
C SER A 149 10.63 9.84 2.38
N GLY A 150 11.35 8.73 2.48
CA GLY A 150 11.61 8.15 3.78
C GLY A 150 12.37 9.06 4.73
N LEU A 151 13.01 10.09 4.21
CA LEU A 151 13.72 11.04 5.07
C LEU A 151 12.78 11.81 5.98
N THR A 152 11.47 11.77 5.82
CA THR A 152 10.61 12.39 6.84
C THR A 152 10.60 11.58 8.12
N ARG A 153 11.14 10.35 8.08
CA ARG A 153 11.22 9.43 9.22
CA ARG A 153 11.22 9.43 9.22
C ARG A 153 12.64 9.01 9.49
N CYS A 154 13.65 9.50 8.88
CA CYS A 154 15.07 9.02 8.93
CA CYS A 154 15.03 9.06 9.08
C CYS A 154 15.93 10.27 8.96
N ALA A 155 16.65 10.55 10.05
CA ALA A 155 17.39 11.80 10.15
C ALA A 155 18.61 11.76 9.21
N VAL A 156 18.77 12.81 8.45
CA VAL A 156 19.90 13.01 7.52
C VAL A 156 20.14 14.51 7.46
N PRO A 157 21.12 14.98 8.27
CA PRO A 157 21.34 16.43 8.36
C PRO A 157 21.50 17.14 7.03
N GLU A 158 22.20 16.54 6.09
CA GLU A 158 22.46 17.18 4.80
C GLU A 158 21.23 17.22 3.93
N GLN A 159 20.08 16.73 4.41
CA GLN A 159 18.82 16.84 3.68
C GLN A 159 17.80 17.58 4.50
N VAL A 160 18.19 18.37 5.49
CA VAL A 160 17.18 19.06 6.29
C VAL A 160 16.27 19.96 5.48
N ALA A 161 16.83 20.75 4.55
CA ALA A 161 15.99 21.67 3.82
C ALA A 161 15.01 20.93 2.92
N TYR A 162 15.47 19.96 2.19
CA TYR A 162 14.58 19.09 1.39
C TYR A 162 13.51 18.43 2.27
N SER A 163 13.94 17.90 3.40
CA SER A 163 13.03 17.10 4.23
C SER A 163 11.94 17.97 4.82
N MET A 164 12.24 19.24 5.19
CA MET A 164 11.18 20.15 5.64
C MET A 164 10.05 20.15 4.63
N THR A 165 10.39 20.23 3.34
CA THR A 165 9.36 20.36 2.31
C THR A 165 8.57 19.06 2.14
N LYS A 166 9.19 17.92 2.35
CA LYS A 166 8.44 16.64 2.32
C LYS A 166 7.57 16.52 3.54
N GLY A 167 7.98 17.04 4.68
CA GLY A 167 7.10 17.09 5.84
C GLY A 167 5.88 17.92 5.57
N ALA A 168 6.02 19.04 4.89
CA ALA A 168 4.88 19.86 4.51
C ALA A 168 4.02 19.12 3.49
N LEU A 169 4.63 18.45 2.51
CA LEU A 169 3.88 17.66 1.51
C LEU A 169 2.99 16.65 2.19
N GLU A 170 3.52 15.95 3.19
CA GLU A 170 2.72 14.90 3.84
C GLU A 170 1.52 15.49 4.60
N GLN A 171 1.61 16.75 5.03
CA GLN A 171 0.43 17.39 5.61
C GLN A 171 -0.67 17.63 4.58
N ILE A 172 -0.25 17.91 3.32
CA ILE A 172 -1.24 17.95 2.23
C ILE A 172 -2.01 16.65 2.19
N THR A 173 -1.29 15.52 2.25
CA THR A 173 -1.95 14.21 2.25
C THR A 173 -2.96 14.09 3.38
N LEU A 174 -2.55 14.40 4.60
CA LEU A 174 -3.41 14.16 5.77
C LEU A 174 -4.66 14.99 5.67
N HIS A 175 -4.52 16.31 5.49
CA HIS A 175 -5.66 17.21 5.65
C HIS A 175 -6.53 17.18 4.38
N MET A 176 -5.91 17.05 3.20
CA MET A 176 -6.73 16.98 2.00
C MET A 176 -7.38 15.61 1.86
N ALA A 177 -6.86 14.53 2.40
CA ALA A 177 -7.60 13.26 2.38
C ALA A 177 -8.95 13.43 3.08
N LYS A 178 -8.95 14.09 4.25
CA LYS A 178 -10.24 14.28 4.94
CA LYS A 178 -10.23 14.31 4.96
C LYS A 178 -11.10 15.23 4.12
N HIS A 179 -10.54 16.28 3.57
CA HIS A 179 -11.35 17.29 2.83
C HIS A 179 -12.04 16.64 1.61
N LEU A 180 -11.35 15.77 0.93
CA LEU A 180 -11.80 15.24 -0.39
C LEU A 180 -12.53 13.91 -0.26
N ALA A 181 -12.52 13.30 0.92
CA ALA A 181 -13.22 12.00 1.13
C ALA A 181 -14.68 12.04 0.66
N PRO A 182 -15.44 13.12 0.89
CA PRO A 182 -16.84 13.12 0.46
C PRO A 182 -16.98 12.96 -1.04
N ARG A 183 -15.98 13.34 -1.81
CA ARG A 183 -15.98 13.13 -3.27
CA ARG A 183 -15.97 13.16 -3.27
C ARG A 183 -15.40 11.80 -3.66
N GLY A 184 -15.02 10.96 -2.73
CA GLY A 184 -14.41 9.66 -3.10
C GLY A 184 -13.07 9.87 -3.80
N ILE A 185 -12.40 10.97 -3.59
CA ILE A 185 -11.02 11.17 -4.10
C ILE A 185 -10.09 10.78 -2.98
N THR A 186 -9.18 9.83 -3.19
CA THR A 186 -8.20 9.44 -2.19
C THR A 186 -6.96 10.28 -2.35
N VAL A 187 -6.28 10.50 -1.23
CA VAL A 187 -5.03 11.29 -1.21
C VAL A 187 -4.05 10.53 -0.37
N ASN A 188 -2.89 10.14 -0.89
CA ASN A 188 -1.94 9.31 -0.19
C ASN A 188 -0.53 9.76 -0.47
N SER A 189 0.37 9.50 0.45
CA SER A 189 1.80 9.71 0.27
C SER A 189 2.47 8.39 -0.06
N VAL A 190 3.37 8.38 -1.03
CA VAL A 190 4.23 7.21 -1.28
C VAL A 190 5.66 7.66 -1.01
N ALA A 191 6.35 6.99 -0.13
CA ALA A 191 7.69 7.38 0.35
C ALA A 191 8.79 6.47 -0.17
N PRO A 192 9.54 6.92 -1.17
CA PRO A 192 10.72 6.15 -1.63
C PRO A 192 11.85 6.21 -0.64
N GLY A 193 12.74 5.24 -0.76
CA GLY A 193 14.07 5.32 -0.22
C GLY A 193 15.01 5.69 -1.33
N ILE A 194 16.29 5.39 -1.17
CA ILE A 194 17.28 5.70 -2.24
C ILE A 194 16.92 4.90 -3.47
N THR A 195 16.75 5.59 -4.58
CA THR A 195 16.21 5.03 -5.81
C THR A 195 17.04 5.49 -6.99
N ASP A 196 17.47 4.57 -7.81
CA ASP A 196 18.26 4.87 -9.03
C ASP A 196 17.40 5.63 -10.01
N ASN A 197 17.70 6.91 -10.19
CA ASN A 197 16.97 7.82 -11.09
C ASN A 197 17.73 8.07 -12.39
N GLY A 198 18.81 7.32 -12.62
CA GLY A 198 19.67 7.51 -13.81
C GLY A 198 20.73 8.57 -13.57
N GLY A 199 20.82 9.20 -12.43
CA GLY A 199 21.92 10.16 -12.15
C GLY A 199 23.26 9.53 -12.16
N ALA A 200 24.29 10.37 -12.32
CA ALA A 200 25.67 9.88 -12.37
C ALA A 200 26.11 9.10 -11.17
N VAL A 201 25.62 9.42 -10.00
CA VAL A 201 26.07 8.76 -8.77
C VAL A 201 25.79 7.25 -8.90
N PHE A 202 24.74 6.87 -9.64
CA PHE A 202 24.36 5.44 -9.72
C PHE A 202 25.29 4.69 -10.69
N ASP A 203 26.24 5.37 -11.32
CA ASP A 203 27.28 4.75 -12.20
C ASP A 203 28.52 4.55 -11.36
N ILE A 204 28.54 4.82 -10.07
CA ILE A 204 29.77 4.70 -9.24
C ILE A 204 29.49 3.53 -8.30
N PRO A 205 29.86 2.28 -8.67
CA PRO A 205 29.52 1.08 -7.89
C PRO A 205 29.85 1.19 -6.39
N GLU A 206 30.97 1.81 -6.04
CA GLU A 206 31.36 2.03 -4.62
C GLU A 206 30.29 2.82 -3.84
N ILE A 207 29.80 3.94 -4.38
CA ILE A 207 28.79 4.78 -3.68
C ILE A 207 27.47 4.00 -3.67
N VAL A 208 27.17 3.34 -4.75
CA VAL A 208 25.92 2.52 -4.87
C VAL A 208 25.91 1.48 -3.77
N GLU A 209 27.07 0.89 -3.49
CA GLU A 209 27.15 -0.12 -2.41
C GLU A 209 26.92 0.49 -1.04
N GLN A 210 27.45 1.66 -0.77
CA GLN A 210 27.17 2.38 0.49
C GLN A 210 25.66 2.66 0.58
N MET A 211 25.09 3.27 -0.46
CA MET A 211 23.66 3.63 -0.52
C MET A 211 22.85 2.36 -0.28
N ALA A 212 23.21 1.27 -0.91
CA ALA A 212 22.45 0.00 -0.81
C ALA A 212 22.32 -0.45 0.63
N GLN A 213 23.19 -0.06 1.56
CA GLN A 213 23.10 -0.59 2.93
C GLN A 213 21.88 -0.02 3.66
N SER A 214 21.31 1.09 3.19
CA SER A 214 20.15 1.72 3.83
C SER A 214 18.91 0.81 3.74
N SER A 215 18.83 0.05 2.69
CA SER A 215 17.66 -0.86 2.50
C SER A 215 17.88 -2.16 3.24
N ALA A 216 16.82 -2.74 3.80
CA ALA A 216 16.90 -4.06 4.42
C ALA A 216 17.26 -5.15 3.38
N PHE A 217 17.01 -4.88 2.13
CA PHE A 217 17.32 -5.76 0.99
C PHE A 217 18.74 -5.56 0.48
N LYS A 218 19.43 -4.58 0.99
CA LYS A 218 20.86 -4.33 0.66
C LYS A 218 21.00 -4.14 -0.84
N ARG A 219 20.07 -3.39 -1.46
CA ARG A 219 20.18 -2.91 -2.84
C ARG A 219 19.51 -1.56 -2.85
N VAL A 220 19.92 -0.71 -3.77
CA VAL A 220 19.17 0.51 -4.04
C VAL A 220 17.88 0.17 -4.76
N GLY A 221 16.89 0.99 -4.62
CA GLY A 221 15.64 0.82 -5.33
C GLY A 221 15.80 1.06 -6.80
N GLU A 222 15.03 0.40 -7.64
CA GLU A 222 14.83 0.79 -9.05
C GLU A 222 13.64 1.74 -9.13
N ALA A 223 13.65 2.58 -10.11
CA ALA A 223 12.51 3.46 -10.33
C ALA A 223 11.22 2.68 -10.39
N GLY A 224 11.23 1.53 -11.05
CA GLY A 224 10.04 0.73 -11.17
C GLY A 224 9.57 0.12 -9.87
N ASP A 225 10.45 -0.05 -8.89
CA ASP A 225 10.02 -0.56 -7.57
C ASP A 225 9.04 0.42 -6.94
N VAL A 226 9.34 1.68 -7.03
CA VAL A 226 8.49 2.73 -6.48
C VAL A 226 7.27 2.93 -7.36
N ALA A 227 7.50 3.00 -8.70
CA ALA A 227 6.42 3.26 -9.63
C ALA A 227 5.36 2.18 -9.59
N ASP A 228 5.75 0.91 -9.32
CA ASP A 228 4.75 -0.15 -9.19
C ASP A 228 3.79 0.12 -8.04
N VAL A 229 4.29 0.69 -6.95
CA VAL A 229 3.42 0.99 -5.81
C VAL A 229 2.50 2.16 -6.17
N VAL A 230 3.05 3.22 -6.80
CA VAL A 230 2.22 4.38 -7.22
C VAL A 230 1.13 3.91 -8.12
N THR A 231 1.44 3.01 -9.05
CA THR A 231 0.47 2.51 -10.01
C THR A 231 -0.67 1.79 -9.32
N PHE A 232 -0.36 0.93 -8.35
CA PHE A 232 -1.43 0.31 -7.58
C PHE A 232 -2.34 1.35 -6.93
N ILE A 233 -1.71 2.35 -6.27
CA ILE A 233 -2.54 3.37 -5.59
C ILE A 233 -3.45 4.04 -6.59
N ALA A 234 -3.01 4.23 -7.83
CA ALA A 234 -3.83 4.89 -8.85
C ALA A 234 -5.03 4.08 -9.28
N THR A 235 -5.09 2.78 -8.96
CA THR A 235 -6.17 1.89 -9.40
C THR A 235 -7.36 1.87 -8.46
N ASP A 236 -8.43 1.29 -8.90
CA ASP A 236 -9.65 1.15 -8.12
C ASP A 236 -9.42 0.35 -6.86
N GLU A 237 -8.55 -0.62 -6.86
CA GLU A 237 -8.40 -1.54 -5.73
C GLU A 237 -7.76 -0.89 -4.50
N SER A 238 -7.27 0.33 -4.62
CA SER A 238 -6.75 1.05 -3.46
C SER A 238 -7.83 1.91 -2.79
N ARG A 239 -9.09 1.77 -3.18
CA ARG A 239 -10.14 2.73 -2.78
C ARG A 239 -10.22 2.91 -1.29
N TRP A 240 -9.88 1.91 -0.50
CA TRP A 240 -10.07 1.98 0.95
C TRP A 240 -8.81 2.45 1.64
N ILE A 241 -7.82 2.92 0.90
CA ILE A 241 -6.59 3.56 1.39
C ILE A 241 -6.71 5.05 1.14
N THR A 242 -6.79 5.87 2.20
CA THR A 242 -6.69 7.33 2.02
C THR A 242 -6.02 7.93 3.22
N GLY A 243 -5.36 9.05 3.03
CA GLY A 243 -4.64 9.73 4.10
C GLY A 243 -3.44 8.99 4.55
N ALA A 244 -2.91 8.05 3.82
CA ALA A 244 -1.91 7.10 4.32
C ALA A 244 -0.52 7.48 3.90
N PHE A 245 0.42 7.02 4.69
CA PHE A 245 1.85 7.01 4.37
C PHE A 245 2.20 5.61 3.89
N ILE A 246 2.52 5.44 2.64
CA ILE A 246 2.84 4.13 2.04
C ILE A 246 4.34 4.05 1.85
N ASP A 247 4.94 3.14 2.61
CA ASP A 247 6.39 2.97 2.59
C ASP A 247 6.82 2.19 1.36
N ALA A 248 7.46 2.83 0.44
CA ALA A 248 8.02 2.20 -0.79
C ALA A 248 9.53 2.35 -0.79
N SER A 249 10.14 1.98 0.33
CA SER A 249 11.57 2.27 0.58
C SER A 249 12.41 1.02 0.60
N GLY A 250 11.90 -0.15 0.32
CA GLY A 250 12.72 -1.34 0.44
C GLY A 250 13.17 -1.57 1.88
N GLY A 251 12.33 -1.31 2.84
CA GLY A 251 12.72 -1.60 4.22
C GLY A 251 13.74 -0.64 4.76
N THR A 252 13.80 0.55 4.31
CA THR A 252 14.77 1.55 4.87
C THR A 252 14.30 2.02 6.22
N LEU A 253 13.04 2.02 6.52
CA LEU A 253 12.34 2.68 7.70
C LEU A 253 12.09 1.61 8.74
N LEU A 254 13.00 0.66 8.88
CA LEU A 254 12.92 -0.37 9.94
C LEU A 254 13.61 0.16 11.19
N SER B 2 -3.95 -12.62 -13.43
CA SER B 2 -3.31 -13.93 -13.11
C SER B 2 -1.92 -13.70 -12.52
N ARG B 3 -1.86 -12.90 -11.47
CA ARG B 3 -0.58 -12.48 -10.90
C ARG B 3 0.02 -13.53 -9.98
N LEU B 4 -0.73 -14.53 -9.59
CA LEU B 4 -0.30 -15.53 -8.58
C LEU B 4 -0.34 -16.95 -9.13
N THR B 5 -0.24 -17.12 -10.45
CA THR B 5 -0.21 -18.46 -11.08
C THR B 5 0.94 -19.25 -10.48
N GLY B 6 0.68 -20.47 -10.11
CA GLY B 6 1.68 -21.40 -9.61
C GLY B 6 2.01 -21.17 -8.16
N LYS B 7 1.38 -20.21 -7.46
CA LYS B 7 1.70 -19.95 -6.04
C LYS B 7 0.71 -20.63 -5.15
N ASN B 8 1.16 -20.91 -3.95
CA ASN B 8 0.34 -21.56 -2.92
C ASN B 8 0.17 -20.57 -1.76
N ALA B 9 -1.04 -20.40 -1.27
CA ALA B 9 -1.35 -19.44 -0.22
C ALA B 9 -2.12 -20.10 0.89
N LEU B 10 -1.88 -19.70 2.12
CA LEU B 10 -2.70 -20.06 3.28
C LEU B 10 -3.31 -18.77 3.80
N VAL B 11 -4.63 -18.71 3.91
CA VAL B 11 -5.31 -17.60 4.57
C VAL B 11 -5.93 -18.13 5.82
N THR B 12 -5.43 -17.76 6.97
CA THR B 12 -6.09 -18.27 8.18
C THR B 12 -7.44 -17.61 8.35
N GLY B 13 -8.38 -18.36 8.87
CA GLY B 13 -9.73 -17.83 9.07
C GLY B 13 -10.39 -17.34 7.79
N SER B 14 -10.38 -18.19 6.75
CA SER B 14 -10.95 -17.82 5.45
C SER B 14 -12.27 -18.50 5.17
N SER B 15 -12.86 -19.12 6.19
CA SER B 15 -14.26 -19.59 6.08
C SER B 15 -15.23 -18.46 5.98
N ARG B 16 -14.90 -17.26 6.45
CA ARG B 16 -15.87 -16.18 6.66
C ARG B 16 -15.20 -14.83 6.49
N GLY B 17 -15.93 -13.76 6.24
CA GLY B 17 -15.49 -12.40 6.45
C GLY B 17 -14.35 -11.99 5.57
N ILE B 18 -13.44 -11.15 6.10
CA ILE B 18 -12.29 -10.67 5.31
C ILE B 18 -11.46 -11.83 4.77
N GLY B 19 -11.27 -12.84 5.56
CA GLY B 19 -10.46 -13.98 5.12
C GLY B 19 -11.11 -14.66 3.92
N ARG B 20 -12.42 -14.87 3.92
CA ARG B 20 -13.08 -15.45 2.73
C ARG B 20 -12.85 -14.56 1.54
N ALA B 21 -13.03 -13.25 1.67
CA ALA B 21 -12.88 -12.33 0.54
C ALA B 21 -11.46 -12.37 0.01
N THR B 22 -10.50 -12.54 0.92
CA THR B 22 -9.07 -12.64 0.59
C THR B 22 -8.79 -13.92 -0.18
N ALA B 23 -9.24 -15.04 0.37
CA ALA B 23 -9.04 -16.31 -0.31
C ALA B 23 -9.61 -16.28 -1.72
N VAL B 24 -10.81 -15.72 -1.86
CA VAL B 24 -11.45 -15.63 -3.19
C VAL B 24 -10.56 -14.87 -4.12
N ARG B 25 -10.07 -13.73 -3.69
CA ARG B 25 -9.27 -12.85 -4.58
C ARG B 25 -7.92 -13.46 -4.88
N LEU B 26 -7.24 -14.11 -3.93
CA LEU B 26 -5.98 -14.76 -4.23
C LEU B 26 -6.19 -15.87 -5.27
N ALA B 27 -7.27 -16.62 -5.11
CA ALA B 27 -7.54 -17.72 -6.06
C ALA B 27 -7.89 -17.16 -7.42
N ARG B 28 -8.55 -16.02 -7.52
CA ARG B 28 -8.84 -15.41 -8.85
C ARG B 28 -7.53 -15.11 -9.55
N GLU B 29 -6.47 -14.79 -8.84
CA GLU B 29 -5.15 -14.46 -9.39
C GLU B 29 -4.36 -15.71 -9.73
N GLY B 30 -4.89 -16.88 -9.43
CA GLY B 30 -4.26 -18.13 -9.79
C GLY B 30 -3.63 -18.90 -8.67
N ALA B 31 -3.69 -18.38 -7.41
CA ALA B 31 -3.09 -19.13 -6.31
C ALA B 31 -3.89 -20.36 -5.96
N LEU B 32 -3.27 -21.43 -5.55
CA LEU B 32 -3.91 -22.54 -4.84
C LEU B 32 -4.09 -22.07 -3.39
N VAL B 33 -5.32 -22.04 -2.90
CA VAL B 33 -5.57 -21.45 -1.56
C VAL B 33 -6.01 -22.51 -0.59
N ALA B 34 -5.28 -22.57 0.55
CA ALA B 34 -5.72 -23.33 1.70
C ALA B 34 -6.65 -22.45 2.52
N VAL B 35 -7.90 -22.86 2.63
CA VAL B 35 -8.98 -22.17 3.29
C VAL B 35 -9.07 -22.71 4.69
N HIS B 36 -8.49 -22.03 5.65
CA HIS B 36 -8.38 -22.49 7.04
C HIS B 36 -9.53 -21.96 7.87
N TYR B 37 -9.94 -22.80 8.82
CA TYR B 37 -11.04 -22.49 9.73
C TYR B 37 -10.84 -23.25 11.04
N ALA B 38 -11.61 -22.83 12.04
CA ALA B 38 -11.60 -23.46 13.35
C ALA B 38 -12.66 -24.55 13.49
N SER B 39 -13.88 -24.19 13.20
CA SER B 39 -14.98 -25.15 13.40
C SER B 39 -16.04 -25.01 12.34
N ASN B 40 -16.17 -23.91 11.62
CA ASN B 40 -17.29 -23.77 10.67
C ASN B 40 -16.93 -24.40 9.33
N GLU B 41 -16.96 -25.72 9.28
CA GLU B 41 -16.60 -26.51 8.09
C GLU B 41 -17.51 -26.10 6.94
N ALA B 42 -18.80 -25.88 7.23
CA ALA B 42 -19.75 -25.61 6.13
C ALA B 42 -19.32 -24.31 5.44
N ALA B 43 -18.95 -23.28 6.25
CA ALA B 43 -18.52 -21.97 5.73
C ALA B 43 -17.18 -22.12 4.95
N ALA B 44 -16.25 -22.92 5.44
CA ALA B 44 -15.01 -23.20 4.69
C ALA B 44 -15.36 -23.82 3.35
N ASP B 45 -16.22 -24.84 3.35
CA ASP B 45 -16.59 -25.54 2.11
C ASP B 45 -17.27 -24.56 1.15
N GLU B 46 -17.99 -23.58 1.63
CA GLU B 46 -18.58 -22.52 0.80
C GLU B 46 -17.51 -21.64 0.16
N THR B 47 -16.53 -21.18 0.94
CA THR B 47 -15.41 -20.45 0.30
C THR B 47 -14.80 -21.30 -0.81
N VAL B 48 -14.46 -22.54 -0.50
CA VAL B 48 -13.84 -23.44 -1.51
C VAL B 48 -14.75 -23.57 -2.75
N ALA B 49 -16.05 -23.76 -2.51
CA ALA B 49 -16.99 -23.92 -3.65
C ALA B 49 -17.00 -22.66 -4.50
N GLN B 50 -17.02 -21.47 -3.92
CA GLN B 50 -16.97 -20.24 -4.70
C GLN B 50 -15.70 -20.21 -5.53
N ILE B 51 -14.56 -20.50 -4.91
CA ILE B 51 -13.28 -20.45 -5.65
C ILE B 51 -13.35 -21.43 -6.85
N GLU B 52 -13.82 -22.64 -6.60
CA GLU B 52 -13.91 -23.63 -7.72
C GLU B 52 -14.88 -23.17 -8.82
N ARG B 53 -15.99 -22.57 -8.46
CA ARG B 53 -16.98 -22.14 -9.48
C ARG B 53 -16.39 -21.02 -10.30
N GLU B 54 -15.53 -20.20 -9.71
CA GLU B 54 -14.84 -19.11 -10.42
C GLU B 54 -13.62 -19.62 -11.20
N GLY B 55 -13.35 -20.92 -11.21
CA GLY B 55 -12.28 -21.50 -11.99
C GLY B 55 -10.92 -21.57 -11.33
N GLY B 56 -10.91 -21.46 -10.00
CA GLY B 56 -9.68 -21.60 -9.21
C GLY B 56 -9.58 -22.88 -8.46
N ARG B 57 -8.56 -22.94 -7.57
CA ARG B 57 -8.24 -24.15 -6.83
C ARG B 57 -8.15 -23.80 -5.35
N ALA B 58 -8.73 -24.59 -4.51
CA ALA B 58 -8.66 -24.40 -3.03
C ALA B 58 -9.00 -25.70 -2.33
N PHE B 59 -8.70 -25.77 -1.05
CA PHE B 59 -9.09 -26.90 -0.20
C PHE B 59 -9.17 -26.42 1.22
N PRO B 60 -10.00 -27.05 2.04
CA PRO B 60 -10.15 -26.60 3.39
C PRO B 60 -9.16 -27.24 4.36
N VAL B 61 -8.82 -26.53 5.43
CA VAL B 61 -7.90 -27.03 6.47
C VAL B 61 -8.46 -26.64 7.81
N ARG B 62 -8.72 -27.63 8.63
CA ARG B 62 -9.26 -27.32 9.98
C ARG B 62 -8.16 -27.26 11.02
N ALA B 63 -8.14 -26.20 11.84
CA ALA B 63 -7.24 -26.20 13.03
C ALA B 63 -7.69 -25.11 13.94
N GLU B 64 -8.13 -25.42 15.14
CA GLU B 64 -8.32 -24.42 16.19
CA GLU B 64 -8.33 -24.36 16.12
C GLU B 64 -6.96 -23.84 16.59
N LEU B 65 -6.78 -22.54 16.50
CA LEU B 65 -5.59 -21.86 16.98
C LEU B 65 -5.75 -21.47 18.43
N GLY B 66 -4.60 -21.36 19.08
CA GLY B 66 -4.54 -20.90 20.45
C GLY B 66 -4.66 -22.03 21.41
N VAL B 67 -4.44 -23.28 21.00
CA VAL B 67 -4.42 -24.51 21.82
C VAL B 67 -3.19 -25.33 21.46
N ALA B 68 -2.73 -26.16 22.39
CA ALA B 68 -1.61 -27.08 22.15
C ALA B 68 -1.82 -27.90 20.89
N GLY B 69 -0.74 -27.91 20.08
CA GLY B 69 -0.76 -28.70 18.82
C GLY B 69 -1.39 -27.99 17.66
N ASP B 70 -1.81 -26.73 17.81
CA ASP B 70 -2.49 -25.99 16.72
C ASP B 70 -1.67 -25.86 15.44
N VAL B 71 -0.42 -25.41 15.54
CA VAL B 71 0.41 -25.22 14.34
C VAL B 71 0.63 -26.56 13.66
N HIS B 72 0.92 -27.58 14.46
CA HIS B 72 1.14 -28.92 13.90
C HIS B 72 -0.10 -29.37 13.16
N GLU B 73 -1.25 -29.25 13.77
CA GLU B 73 -2.49 -29.71 13.13
C GLU B 73 -2.69 -28.97 11.82
N LEU B 74 -2.54 -27.64 11.83
CA LEU B 74 -2.75 -26.84 10.63
C LEU B 74 -1.78 -27.30 9.53
N PHE B 75 -0.50 -27.40 9.84
CA PHE B 75 0.49 -27.77 8.82
C PHE B 75 0.32 -29.20 8.37
N LEU B 76 -0.20 -30.08 9.17
CA LEU B 76 -0.45 -31.47 8.69
C LEU B 76 -1.46 -31.38 7.55
N GLY B 77 -2.54 -30.66 7.73
CA GLY B 77 -3.56 -30.54 6.72
C GLY B 77 -3.09 -29.75 5.53
N LEU B 78 -2.38 -28.66 5.79
CA LEU B 78 -1.90 -27.82 4.69
C LEU B 78 -0.99 -28.64 3.79
N GLU B 79 0.06 -29.25 4.38
CA GLU B 79 1.04 -29.96 3.57
C GLU B 79 0.45 -31.16 2.89
N GLN B 80 -0.48 -31.87 3.50
CA GLN B 80 -1.17 -32.97 2.79
C GLN B 80 -1.85 -32.45 1.57
N GLY B 81 -2.61 -31.37 1.70
CA GLY B 81 -3.37 -30.84 0.56
C GLY B 81 -2.47 -30.26 -0.53
N LEU B 82 -1.39 -29.58 -0.15
CA LEU B 82 -0.48 -29.06 -1.16
C LEU B 82 0.19 -30.23 -1.88
N LYS B 83 0.61 -31.25 -1.14
CA LYS B 83 1.35 -32.35 -1.78
C LYS B 83 0.38 -33.10 -2.72
N GLU B 84 -0.84 -33.33 -2.33
CA GLU B 84 -1.80 -34.07 -3.19
C GLU B 84 -1.97 -33.29 -4.47
N ARG B 85 -2.02 -31.97 -4.44
CA ARG B 85 -2.39 -31.14 -5.61
C ARG B 85 -1.20 -30.67 -6.41
N THR B 86 0.00 -30.67 -5.89
CA THR B 86 1.15 -30.04 -6.57
C THR B 86 2.35 -30.97 -6.57
N GLY B 87 2.38 -31.95 -5.67
CA GLY B 87 3.57 -32.78 -5.47
C GLY B 87 4.59 -32.11 -4.56
N GLU B 88 4.30 -30.90 -4.05
CA GLU B 88 5.26 -30.09 -3.27
C GLU B 88 4.54 -29.59 -2.02
N THR B 89 5.30 -29.07 -1.07
CA THR B 89 4.71 -28.44 0.14
C THR B 89 5.09 -26.95 0.23
N THR B 90 5.54 -26.38 -0.82
CA THR B 90 5.91 -24.95 -0.93
C THR B 90 4.76 -24.07 -0.50
N LEU B 91 5.04 -23.07 0.36
CA LEU B 91 4.06 -22.08 0.78
C LEU B 91 4.60 -20.71 0.40
N ASP B 92 3.99 -20.06 -0.54
CA ASP B 92 4.43 -18.75 -1.04
C ASP B 92 3.89 -17.63 -0.16
N ILE B 93 2.66 -17.72 0.28
CA ILE B 93 1.93 -16.60 0.91
C ILE B 93 1.29 -17.10 2.19
N LEU B 94 1.49 -16.41 3.29
CA LEU B 94 0.77 -16.61 4.56
C LEU B 94 0.02 -15.34 4.86
N VAL B 95 -1.26 -15.43 5.07
CA VAL B 95 -2.05 -14.32 5.60
C VAL B 95 -2.55 -14.68 6.98
N ASN B 96 -2.05 -14.01 8.00
CA ASN B 96 -2.50 -14.18 9.39
C ASN B 96 -3.72 -13.32 9.60
N ASN B 97 -4.87 -13.88 9.30
CA ASN B 97 -6.17 -13.19 9.33
C ASN B 97 -7.06 -13.63 10.47
N ALA B 98 -7.05 -14.91 10.84
CA ALA B 98 -7.96 -15.44 11.90
C ALA B 98 -7.69 -14.65 13.20
N ALA B 99 -8.73 -14.36 13.94
CA ALA B 99 -8.60 -13.66 15.23
C ALA B 99 -9.85 -13.88 16.03
N VAL B 100 -9.72 -13.65 17.31
CA VAL B 100 -10.80 -13.41 18.29
C VAL B 100 -11.08 -11.92 18.24
N THR B 101 -12.24 -11.49 17.73
CA THR B 101 -12.56 -10.06 17.32
C THR B 101 -14.04 -9.74 17.47
N ASP B 104 -18.66 -5.96 20.95
CA ASP B 104 -18.59 -4.57 21.45
C ASP B 104 -17.47 -4.46 22.49
N GLY B 105 -16.55 -5.34 22.41
CA GLY B 105 -15.36 -5.34 23.29
C GLY B 105 -15.73 -5.66 24.73
N ILE B 106 -14.89 -5.20 25.66
CA ILE B 106 -14.94 -5.52 27.10
C ILE B 106 -14.44 -4.28 27.83
N LEU B 107 -15.19 -3.70 28.72
CA LEU B 107 -14.70 -2.54 29.44
C LEU B 107 -13.47 -2.93 30.22
N PRO B 108 -12.49 -1.99 30.35
CA PRO B 108 -11.25 -2.36 31.02
C PRO B 108 -11.41 -3.01 32.39
N GLU B 109 -12.35 -2.53 33.16
CA GLU B 109 -12.59 -3.06 34.51
C GLU B 109 -13.03 -4.51 34.48
N ASP B 110 -13.59 -4.98 33.41
CA ASP B 110 -14.21 -6.30 33.29
C ASP B 110 -13.33 -7.32 32.61
N VAL B 111 -12.16 -6.90 32.08
CA VAL B 111 -11.26 -7.82 31.42
C VAL B 111 -10.68 -8.78 32.44
N THR B 112 -10.72 -10.04 32.17
CA THR B 112 -10.16 -11.06 33.05
C THR B 112 -8.84 -11.56 32.51
N ALA B 113 -8.04 -12.19 33.36
CA ALA B 113 -6.82 -12.86 32.96
C ALA B 113 -7.09 -13.89 31.90
N GLU B 114 -8.14 -14.68 32.02
CA GLU B 114 -8.48 -15.69 31.05
C GLU B 114 -8.77 -15.07 29.68
N GLN B 115 -9.49 -13.99 29.65
CA GLN B 115 -9.73 -13.29 28.37
C GLN B 115 -8.44 -12.76 27.79
N LEU B 116 -7.59 -12.14 28.57
CA LEU B 116 -6.29 -11.67 28.05
C LEU B 116 -5.57 -12.85 27.46
N ASP B 117 -5.56 -13.98 28.08
CA ASP B 117 -4.82 -15.13 27.55
C ASP B 117 -5.44 -15.59 26.24
N ARG B 118 -6.74 -15.65 26.13
CA ARG B 118 -7.37 -16.16 24.90
C ARG B 118 -7.10 -15.21 23.74
N TYR B 119 -7.29 -13.93 23.94
CA TYR B 119 -6.98 -12.98 22.89
C TYR B 119 -5.52 -13.15 22.47
N TYR B 120 -4.59 -13.19 23.40
CA TYR B 120 -3.22 -13.23 22.94
CA TYR B 120 -3.12 -13.31 23.14
C TYR B 120 -2.86 -14.57 22.32
N ALA B 121 -3.41 -15.68 22.82
CA ALA B 121 -3.09 -16.99 22.23
C ALA B 121 -3.46 -17.02 20.75
N VAL B 122 -4.61 -16.51 20.41
CA VAL B 122 -5.08 -16.59 19.04
C VAL B 122 -4.49 -15.47 18.21
N ASN B 123 -4.42 -14.27 18.74
CA ASN B 123 -4.23 -13.06 17.90
C ASN B 123 -2.76 -12.64 17.79
N ALA B 124 -1.90 -13.12 18.67
CA ALA B 124 -0.48 -12.73 18.69
C ALA B 124 0.45 -13.92 18.70
N LYS B 125 0.26 -14.82 19.67
CA LYS B 125 1.11 -15.99 19.79
C LYS B 125 1.00 -16.88 18.57
N ALA B 126 -0.21 -17.27 18.21
CA ALA B 126 -0.37 -18.18 17.06
C ALA B 126 0.20 -17.56 15.81
N PRO B 127 -0.07 -16.29 15.47
CA PRO B 127 0.60 -15.71 14.30
C PRO B 127 2.09 -15.81 14.32
N PHE B 128 2.72 -15.54 15.45
CA PHE B 128 4.18 -15.69 15.50
C PHE B 128 4.59 -17.10 15.18
N LEU B 129 3.97 -18.06 15.84
CA LEU B 129 4.39 -19.48 15.64
C LEU B 129 4.04 -19.95 14.22
N LEU B 130 2.98 -19.41 13.61
CA LEU B 130 2.68 -19.75 12.22
C LEU B 130 3.72 -19.15 11.30
N VAL B 131 4.19 -17.95 11.51
CA VAL B 131 5.30 -17.41 10.69
C VAL B 131 6.52 -18.30 10.88
N GLN B 132 6.87 -18.63 12.09
CA GLN B 132 8.08 -19.43 12.39
C GLN B 132 7.97 -20.74 11.61
N ARG B 133 6.84 -21.38 11.56
CA ARG B 133 6.70 -22.67 10.86
C ARG B 133 6.61 -22.46 9.35
N ALA B 134 5.89 -21.44 8.92
CA ALA B 134 5.66 -21.21 7.49
C ALA B 134 6.91 -20.95 6.72
N VAL B 135 7.89 -20.30 7.32
CA VAL B 135 9.09 -19.98 6.52
C VAL B 135 9.89 -21.19 6.18
N ARG B 136 9.66 -22.32 6.81
CA ARG B 136 10.37 -23.58 6.48
CA ARG B 136 10.40 -23.57 6.47
C ARG B 136 10.09 -23.98 5.04
N ASN B 137 8.93 -23.67 4.56
CA ASN B 137 8.25 -24.07 3.32
C ASN B 137 8.33 -22.93 2.30
N MET B 138 8.90 -21.73 2.64
CA MET B 138 8.62 -20.50 1.87
C MET B 138 9.82 -20.17 1.04
N PRO B 139 9.65 -20.04 -0.30
CA PRO B 139 10.76 -19.68 -1.15
C PRO B 139 11.12 -18.22 -1.01
N ASP B 140 12.28 -17.89 -1.49
CA ASP B 140 12.66 -16.52 -1.55
C ASP B 140 11.65 -15.80 -2.39
N GLY B 141 11.26 -14.60 -1.95
CA GLY B 141 10.25 -13.92 -2.66
C GLY B 141 8.81 -14.08 -2.10
N GLY B 142 8.65 -14.79 -1.01
CA GLY B 142 7.41 -15.02 -0.35
C GLY B 142 6.80 -13.79 0.31
N ARG B 143 5.64 -13.99 0.88
CA ARG B 143 4.83 -12.89 1.44
C ARG B 143 4.23 -13.33 2.75
N ILE B 144 4.36 -12.53 3.78
CA ILE B 144 3.67 -12.71 5.06
C ILE B 144 2.85 -11.44 5.30
N ILE B 145 1.58 -11.59 5.52
CA ILE B 145 0.66 -10.47 5.66
C ILE B 145 -0.11 -10.64 6.94
N ASN B 146 0.07 -9.74 7.87
CA ASN B 146 -0.60 -9.76 9.17
C ASN B 146 -1.79 -8.82 9.17
N ILE B 147 -2.98 -9.29 9.45
CA ILE B 147 -4.16 -8.42 9.50
C ILE B 147 -4.30 -7.84 10.88
N SER B 148 -4.09 -6.55 11.03
CA SER B 148 -4.11 -5.82 12.30
C SER B 148 -5.47 -5.17 12.44
N SER B 149 -5.48 -3.93 12.93
CA SER B 149 -6.67 -3.13 13.18
C SER B 149 -6.24 -1.69 13.33
N GLY B 150 -7.04 -0.78 12.82
CA GLY B 150 -6.80 0.61 13.10
C GLY B 150 -6.87 1.01 14.58
N LEU B 151 -7.45 0.13 15.38
CA LEU B 151 -7.50 0.37 16.85
C LEU B 151 -6.09 0.44 17.45
N THR B 152 -5.04 0.03 16.84
CA THR B 152 -3.69 0.23 17.36
C THR B 152 -3.30 1.69 17.32
N ARG B 153 -4.08 2.53 16.62
CA ARG B 153 -3.81 3.96 16.47
CA ARG B 153 -3.79 3.96 16.48
C ARG B 153 -4.99 4.79 16.94
N CYS B 154 -6.05 4.25 17.44
CA CYS B 154 -7.27 5.00 17.77
CA CYS B 154 -7.34 4.96 17.72
C CYS B 154 -7.81 4.47 19.10
N ALA B 155 -7.77 5.34 20.12
CA ALA B 155 -8.13 4.88 21.48
C ALA B 155 -9.58 4.52 21.60
N VAL B 156 -9.85 3.35 22.13
CA VAL B 156 -11.22 2.86 22.37
C VAL B 156 -11.09 1.99 23.62
N PRO B 157 -11.45 2.50 24.79
CA PRO B 157 -11.20 1.76 26.02
C PRO B 157 -11.70 0.34 26.01
N GLU B 158 -12.92 0.11 25.46
CA GLU B 158 -13.52 -1.22 25.48
C GLU B 158 -12.83 -2.15 24.48
N GLN B 159 -11.84 -1.70 23.76
CA GLN B 159 -11.03 -2.57 22.91
C GLN B 159 -9.63 -2.71 23.41
N VAL B 160 -9.33 -2.35 24.65
CA VAL B 160 -7.93 -2.43 25.12
C VAL B 160 -7.41 -3.87 25.01
N ALA B 161 -8.14 -4.88 25.41
CA ALA B 161 -7.59 -6.24 25.40
C ALA B 161 -7.31 -6.72 23.97
N TYR B 162 -8.24 -6.53 23.08
CA TYR B 162 -8.05 -6.85 21.65
C TYR B 162 -6.85 -6.09 21.12
N SER B 163 -6.83 -4.81 21.40
CA SER B 163 -5.83 -3.94 20.77
C SER B 163 -4.43 -4.31 21.24
N MET B 164 -4.27 -4.68 22.53
CA MET B 164 -2.97 -5.18 22.99
C MET B 164 -2.43 -6.24 22.05
N THR B 165 -3.32 -7.18 21.64
CA THR B 165 -2.83 -8.31 20.83
C THR B 165 -2.50 -7.85 19.42
N LYS B 166 -3.18 -6.85 18.89
CA LYS B 166 -2.86 -6.31 17.55
C LYS B 166 -1.56 -5.50 17.65
N GLY B 167 -1.32 -4.85 18.76
CA GLY B 167 -0.04 -4.17 18.96
C GLY B 167 1.09 -5.15 18.92
N ALA B 168 0.91 -6.30 19.55
CA ALA B 168 1.92 -7.37 19.51
C ALA B 168 2.10 -7.95 18.08
N LEU B 169 0.95 -8.13 17.39
CA LEU B 169 1.02 -8.62 16.01
C LEU B 169 1.84 -7.70 15.14
N GLU B 170 1.67 -6.40 15.29
CA GLU B 170 2.41 -5.45 14.45
C GLU B 170 3.90 -5.51 14.74
N GLN B 171 4.32 -5.88 15.93
CA GLN B 171 5.75 -6.11 16.17
C GLN B 171 6.30 -7.29 15.44
N ILE B 172 5.48 -8.32 15.23
CA ILE B 172 5.91 -9.40 14.35
C ILE B 172 6.25 -8.84 12.95
N THR B 173 5.39 -7.94 12.43
CA THR B 173 5.66 -7.29 11.15
C THR B 173 7.03 -6.61 11.17
N LEU B 174 7.25 -5.76 12.14
CA LEU B 174 8.47 -4.93 12.15
C LEU B 174 9.72 -5.79 12.18
N HIS B 175 9.77 -6.67 13.20
CA HIS B 175 11.04 -7.37 13.45
C HIS B 175 11.24 -8.52 12.46
N MET B 176 10.17 -9.18 12.07
CA MET B 176 10.34 -10.24 11.08
C MET B 176 10.58 -9.68 9.70
N ALA B 177 10.12 -8.48 9.36
CA ALA B 177 10.50 -7.90 8.06
C ALA B 177 12.01 -7.78 7.98
N LYS B 178 12.65 -7.27 9.04
CA LYS B 178 14.11 -7.17 8.99
C LYS B 178 14.74 -8.56 8.94
N HIS B 179 14.24 -9.50 9.73
CA HIS B 179 14.84 -10.86 9.77
C HIS B 179 14.78 -11.53 8.42
N LEU B 180 13.67 -11.39 7.72
CA LEU B 180 13.42 -12.20 6.51
C LEU B 180 13.81 -11.47 5.24
N ALA B 181 14.20 -10.21 5.33
CA ALA B 181 14.60 -9.42 4.18
C ALA B 181 15.70 -10.09 3.35
N PRO B 182 16.72 -10.74 3.94
CA PRO B 182 17.76 -11.41 3.16
C PRO B 182 17.19 -12.49 2.25
N ARG B 183 16.04 -13.05 2.58
N ARG B 183 16.04 -13.06 2.58
CA ARG B 183 15.38 -14.06 1.72
CA ARG B 183 15.37 -14.10 1.76
C ARG B 183 14.43 -13.40 0.74
C ARG B 183 14.44 -13.42 0.75
N GLY B 184 14.29 -12.12 0.72
CA GLY B 184 13.31 -11.51 -0.17
C GLY B 184 11.89 -11.79 0.25
N ILE B 185 11.62 -12.20 1.47
CA ILE B 185 10.27 -12.40 1.97
C ILE B 185 9.84 -11.10 2.58
N THR B 186 8.74 -10.51 2.17
CA THR B 186 8.23 -9.30 2.79
C THR B 186 7.26 -9.65 3.88
N VAL B 187 7.15 -8.75 4.84
CA VAL B 187 6.25 -8.93 6.00
C VAL B 187 5.57 -7.59 6.22
N ASN B 188 4.25 -7.52 6.18
CA ASN B 188 3.53 -6.25 6.27
C ASN B 188 2.29 -6.43 7.11
N SER B 189 1.82 -5.35 7.71
CA SER B 189 0.54 -5.30 8.39
C SER B 189 -0.49 -4.59 7.52
N VAL B 190 -1.69 -5.11 7.43
CA VAL B 190 -2.81 -4.42 6.79
C VAL B 190 -3.84 -4.19 7.87
N ALA B 191 -4.24 -2.95 8.06
CA ALA B 191 -5.08 -2.53 9.19
C ALA B 191 -6.46 -2.13 8.72
N PRO B 192 -7.48 -2.97 8.89
CA PRO B 192 -8.85 -2.57 8.59
C PRO B 192 -9.41 -1.62 9.61
N GLY B 193 -10.47 -0.92 9.19
CA GLY B 193 -11.43 -0.32 10.09
C GLY B 193 -12.61 -1.21 10.27
N ILE B 194 -13.75 -0.64 10.65
CA ILE B 194 -14.99 -1.44 10.79
C ILE B 194 -15.36 -1.97 9.42
N THR B 195 -15.53 -3.27 9.33
CA THR B 195 -15.69 -3.97 8.07
C THR B 195 -16.81 -5.01 8.18
N ASP B 196 -17.72 -4.96 7.24
CA ASP B 196 -18.86 -5.95 7.19
C ASP B 196 -18.31 -7.33 6.95
N ASN B 197 -18.42 -8.21 7.95
CA ASN B 197 -17.93 -9.59 7.87
C ASN B 197 -19.11 -10.57 7.79
N GLY B 198 -20.28 -10.07 7.54
CA GLY B 198 -21.49 -10.91 7.42
C GLY B 198 -22.07 -11.24 8.78
N GLY B 199 -21.60 -10.65 9.86
CA GLY B 199 -22.15 -10.83 11.20
C GLY B 199 -23.51 -10.20 11.24
N ALA B 200 -24.35 -10.66 12.15
CA ALA B 200 -25.74 -10.17 12.26
C ALA B 200 -25.82 -8.67 12.53
N VAL B 201 -24.85 -8.05 13.17
CA VAL B 201 -24.94 -6.60 13.45
C VAL B 201 -24.98 -5.80 12.13
N PHE B 202 -24.41 -6.33 11.08
CA PHE B 202 -24.38 -5.62 9.78
C PHE B 202 -25.77 -5.72 9.10
N ASP B 203 -26.72 -6.46 9.64
CA ASP B 203 -28.11 -6.57 9.13
C ASP B 203 -28.95 -5.48 9.76
N ILE B 204 -28.42 -4.70 10.70
CA ILE B 204 -29.20 -3.68 11.45
C ILE B 204 -28.84 -2.32 10.86
N PRO B 205 -29.64 -1.75 9.92
CA PRO B 205 -29.29 -0.48 9.26
C PRO B 205 -28.97 0.66 10.23
N GLU B 206 -29.63 0.74 11.37
CA GLU B 206 -29.34 1.82 12.36
C GLU B 206 -27.95 1.65 12.95
N ILE B 207 -27.52 0.44 13.32
CA ILE B 207 -26.14 0.27 13.89
C ILE B 207 -25.10 0.49 12.77
N VAL B 208 -25.41 0.01 11.58
CA VAL B 208 -24.49 0.19 10.44
C VAL B 208 -24.27 1.68 10.18
N GLU B 209 -25.34 2.47 10.25
CA GLU B 209 -25.21 3.93 10.04
C GLU B 209 -24.33 4.57 11.12
N GLN B 210 -24.41 4.17 12.38
CA GLN B 210 -23.51 4.67 13.45
C GLN B 210 -22.07 4.24 13.14
N MET B 211 -21.84 2.96 12.86
CA MET B 211 -20.48 2.46 12.55
C MET B 211 -19.90 3.22 11.34
N ALA B 212 -20.73 3.46 10.37
CA ALA B 212 -20.28 4.14 9.13
C ALA B 212 -19.60 5.48 9.46
N GLN B 213 -19.96 6.17 10.54
CA GLN B 213 -19.41 7.53 10.77
C GLN B 213 -17.89 7.50 11.06
N SER B 214 -17.33 6.33 11.42
CA SER B 214 -15.90 6.20 11.74
C SER B 214 -15.04 6.38 10.50
N SER B 215 -15.54 6.01 9.36
CA SER B 215 -14.80 6.15 8.07
C SER B 215 -14.92 7.60 7.58
N ALA B 216 -13.87 8.13 6.93
CA ALA B 216 -13.96 9.44 6.26
C ALA B 216 -14.97 9.36 5.11
N PHE B 217 -15.23 8.20 4.55
CA PHE B 217 -16.18 7.98 3.44
C PHE B 217 -17.59 7.77 3.97
N LYS B 218 -17.77 7.66 5.26
CA LYS B 218 -19.13 7.53 5.88
C LYS B 218 -19.86 6.32 5.31
N ARG B 219 -19.13 5.21 5.18
CA ARG B 219 -19.68 3.87 4.94
C ARG B 219 -18.83 2.92 5.73
N VAL B 220 -19.39 1.80 6.17
CA VAL B 220 -18.54 0.70 6.67
C VAL B 220 -17.79 0.09 5.48
N GLY B 221 -16.66 -0.48 5.81
CA GLY B 221 -15.88 -1.22 4.83
C GLY B 221 -16.59 -2.46 4.41
N GLU B 222 -16.40 -2.86 3.17
CA GLU B 222 -16.79 -4.21 2.72
C GLU B 222 -15.58 -5.13 2.88
N ALA B 223 -15.81 -6.43 3.04
CA ALA B 223 -14.67 -7.35 3.11
C ALA B 223 -13.75 -7.19 1.93
N GLY B 224 -14.31 -6.99 0.74
CA GLY B 224 -13.49 -6.89 -0.45
C GLY B 224 -12.64 -5.65 -0.48
N ASP B 225 -13.04 -4.58 0.22
CA ASP B 225 -12.20 -3.33 0.29
C ASP B 225 -10.86 -3.69 0.91
N VAL B 226 -10.87 -4.45 1.98
CA VAL B 226 -9.66 -4.89 2.68
C VAL B 226 -8.94 -5.96 1.89
N ALA B 227 -9.69 -6.96 1.40
CA ALA B 227 -9.11 -8.07 0.68
C ALA B 227 -8.38 -7.62 -0.57
N ASP B 228 -8.88 -6.58 -1.23
CA ASP B 228 -8.19 -6.07 -2.41
C ASP B 228 -6.81 -5.55 -2.07
N VAL B 229 -6.65 -4.91 -0.91
CA VAL B 229 -5.32 -4.43 -0.48
C VAL B 229 -4.41 -5.62 -0.16
N VAL B 230 -4.94 -6.58 0.60
CA VAL B 230 -4.16 -7.80 0.95
C VAL B 230 -3.67 -8.46 -0.33
N THR B 231 -4.55 -8.58 -1.34
CA THR B 231 -4.22 -9.24 -2.59
C THR B 231 -3.05 -8.52 -3.29
N PHE B 232 -3.11 -7.18 -3.37
CA PHE B 232 -1.99 -6.46 -3.94
C PHE B 232 -0.71 -6.77 -3.18
N ILE B 233 -0.74 -6.73 -1.85
CA ILE B 233 0.51 -7.01 -1.09
C ILE B 233 1.05 -8.39 -1.44
N ALA B 234 0.17 -9.36 -1.68
CA ALA B 234 0.62 -10.72 -2.03
C ALA B 234 1.32 -10.82 -3.37
N THR B 235 1.17 -9.80 -4.24
CA THR B 235 1.75 -9.84 -5.61
C THR B 235 3.16 -9.36 -5.67
N ASP B 236 3.83 -9.61 -6.81
CA ASP B 236 5.21 -9.19 -7.01
C ASP B 236 5.35 -7.68 -6.91
N GLU B 237 4.35 -6.91 -7.34
CA GLU B 237 4.51 -5.45 -7.45
C GLU B 237 4.60 -4.76 -6.09
N SER B 238 4.40 -5.46 -4.99
CA SER B 238 4.57 -4.88 -3.68
C SER B 238 5.99 -5.14 -3.15
N ARG B 239 6.91 -5.64 -3.95
CA ARG B 239 8.22 -6.14 -3.47
C ARG B 239 8.98 -5.11 -2.67
N TRP B 240 8.77 -3.83 -2.92
CA TRP B 240 9.56 -2.79 -2.25
C TRP B 240 8.87 -2.28 -0.99
N ILE B 241 7.78 -2.90 -0.60
CA ILE B 241 7.06 -2.61 0.63
C ILE B 241 7.35 -3.72 1.63
N THR B 242 8.06 -3.42 2.73
CA THR B 242 8.24 -4.42 3.79
C THR B 242 8.31 -3.69 5.11
N GLY B 243 7.85 -4.36 6.15
CA GLY B 243 7.82 -3.81 7.50
C GLY B 243 6.80 -2.72 7.67
N ALA B 244 5.81 -2.62 6.79
CA ALA B 244 4.94 -1.44 6.74
C ALA B 244 3.62 -1.67 7.42
N PHE B 245 3.04 -0.57 7.87
CA PHE B 245 1.67 -0.48 8.30
C PHE B 245 0.85 0.03 7.15
N ILE B 246 -0.02 -0.73 6.58
CA ILE B 246 -0.84 -0.33 5.40
C ILE B 246 -2.24 -0.08 5.92
N ASP B 247 -2.67 1.18 5.84
CA ASP B 247 -3.99 1.60 6.35
C ASP B 247 -5.04 1.21 5.33
N ALA B 248 -5.85 0.25 5.65
CA ALA B 248 -6.99 -0.17 4.80
C ALA B 248 -8.26 0.03 5.58
N SER B 249 -8.46 1.25 6.09
CA SER B 249 -9.53 1.56 7.04
C SER B 249 -10.53 2.53 6.46
N GLY B 250 -10.43 2.91 5.20
CA GLY B 250 -11.35 3.92 4.70
C GLY B 250 -11.19 5.26 5.41
N GLY B 251 -9.98 5.63 5.73
CA GLY B 251 -9.79 6.94 6.34
C GLY B 251 -10.29 7.01 7.75
N THR B 252 -10.28 5.95 8.49
CA THR B 252 -10.73 5.96 9.91
C THR B 252 -9.70 6.70 10.73
N LEU B 253 -8.48 6.72 10.42
CA LEU B 253 -7.51 7.41 11.31
C LEU B 253 -7.45 8.93 11.00
N LEU B 254 -8.30 9.43 10.16
CA LEU B 254 -8.38 10.89 9.89
C LEU B 254 -9.17 11.54 11.04
N GLY B 255 -10.11 10.76 11.66
CA GLY B 255 -11.03 11.22 12.71
C GLY B 255 -12.15 12.02 12.12
#